data_6YYF
#
_entry.id   6YYF
#
_cell.length_a   46.900
_cell.length_b   60.290
_cell.length_c   57.400
_cell.angle_alpha   90.000
_cell.angle_beta   98.930
_cell.angle_gamma   90.000
#
_symmetry.space_group_name_H-M   'P 1 21 1'
#
loop_
_entity.id
_entity.type
_entity.pdbx_description
1 polymer 'Tyrosine-protein kinase BTK'
2 non-polymer 5-chloranyl-1,3-dihydroindol-2-one
3 non-polymer 'ZINC ION'
4 non-polymer 'MAGNESIUM ION'
5 water water
#
_entity_poly.entity_id   1
_entity_poly.type   'polypeptide(L)'
_entity_poly.pdbx_seq_one_letter_code
;AAVILESIFLKRSQQKKKTSPLNFKKCLFLLTVHKLSYYEYDFERGRRGSKKGSIDVEKITCVETVVPEKNPPPERQIPR
RGEESSEMEQISIIERFPYPFQVVYDEGPLYVFSPTEELRKRWIHQLKNVIRYNSDLVQKYHPCFWIDGQYLCCSQTAKN
AMGCQILEN
;
_entity_poly.pdbx_strand_id   A,B
#
loop_
_chem_comp.id
_chem_comp.type
_chem_comp.name
_chem_comp.formula
3IS non-polymer 5-chloranyl-1,3-dihydroindol-2-one 'C8 H6 Cl N O'
MG non-polymer 'MAGNESIUM ION' 'Mg 2'
ZN non-polymer 'ZINC ION' 'Zn 2'
#
# COMPACT_ATOMS: atom_id res chain seq x y z
N ALA A 1 -9.38 14.99 -5.94
CA ALA A 1 -10.84 15.37 -6.03
C ALA A 1 -11.71 14.11 -5.93
N ALA A 2 -12.84 14.04 -6.65
CA ALA A 2 -13.72 12.85 -6.73
C ALA A 2 -13.01 11.70 -7.46
N VAL A 3 -13.61 10.51 -7.40
CA VAL A 3 -13.17 9.30 -8.15
C VAL A 3 -13.53 9.53 -9.62
N ILE A 4 -12.54 9.47 -10.51
CA ILE A 4 -12.72 9.48 -11.98
C ILE A 4 -13.19 8.07 -12.41
N LEU A 5 -12.57 7.01 -11.88
CA LEU A 5 -12.87 5.60 -12.24
C LEU A 5 -12.69 4.73 -11.01
N GLU A 6 -13.53 3.71 -10.89
CA GLU A 6 -13.53 2.66 -9.84
C GLU A 6 -13.79 1.35 -10.58
N SER A 7 -12.90 0.37 -10.45
CA SER A 7 -13.06 -0.94 -11.13
C SER A 7 -12.44 -2.03 -10.29
N ILE A 8 -12.93 -3.26 -10.48
CA ILE A 8 -12.34 -4.46 -9.82
C ILE A 8 -11.38 -5.05 -10.87
N PHE A 9 -10.09 -5.10 -10.56
CA PHE A 9 -9.08 -5.62 -11.52
C PHE A 9 -8.21 -6.67 -10.86
N LEU A 10 -7.59 -7.52 -11.68
CA LEU A 10 -6.63 -8.54 -11.21
C LEU A 10 -5.24 -7.91 -11.39
N LYS A 11 -4.46 -7.78 -10.32
CA LYS A 11 -3.15 -7.14 -10.50
C LYS A 11 -2.05 -8.13 -10.11
N ARG A 12 -0.93 -8.03 -10.80
CA ARG A 12 0.20 -8.94 -10.53
C ARG A 12 1.05 -8.36 -9.40
N SER A 13 1.30 -9.15 -8.37
CA SER A 13 2.13 -8.71 -7.22
C SER A 13 3.61 -8.61 -7.62
N GLN A 14 4.40 -7.87 -6.84
CA GLN A 14 5.86 -7.70 -7.12
C GLN A 14 6.58 -9.03 -6.88
N GLN A 15 7.17 -9.59 -7.94
CA GLN A 15 7.78 -10.95 -7.97
C GLN A 15 8.87 -11.04 -6.89
N ASN A 23 2.02 -14.29 -8.49
CA ASN A 23 0.74 -14.21 -7.74
C ASN A 23 -0.11 -13.04 -8.27
N PHE A 24 -1.40 -13.28 -8.41
CA PHE A 24 -2.38 -12.30 -8.93
C PHE A 24 -3.36 -12.07 -7.79
N LYS A 25 -3.80 -10.83 -7.63
CA LYS A 25 -4.77 -10.49 -6.56
C LYS A 25 -5.92 -9.74 -7.24
N LYS A 26 -7.12 -9.97 -6.76
CA LYS A 26 -8.32 -9.24 -7.21
C LYS A 26 -8.54 -8.07 -6.25
N CYS A 27 -8.48 -6.84 -6.77
CA CYS A 27 -8.49 -5.59 -5.97
C CYS A 27 -9.44 -4.59 -6.60
N LEU A 28 -9.98 -3.70 -5.77
CA LEU A 28 -10.67 -2.44 -6.18
C LEU A 28 -9.61 -1.37 -6.49
N PHE A 29 -9.64 -0.83 -7.70
CA PHE A 29 -8.76 0.27 -8.16
C PHE A 29 -9.57 1.56 -8.22
N LEU A 30 -9.02 2.65 -7.69
CA LEU A 30 -9.61 4.01 -7.74
C LEU A 30 -8.61 4.93 -8.43
N LEU A 31 -9.10 5.77 -9.34
CA LEU A 31 -8.30 6.85 -9.94
C LEU A 31 -8.93 8.21 -9.60
N THR A 32 -8.08 9.13 -9.13
CA THR A 32 -8.37 10.57 -8.91
C THR A 32 -7.32 11.36 -9.70
N VAL A 33 -7.45 12.68 -9.77
CA VAL A 33 -6.42 13.55 -10.42
C VAL A 33 -5.10 13.47 -9.65
N HIS A 34 -5.10 13.05 -8.38
CA HIS A 34 -3.88 13.00 -7.53
C HIS A 34 -3.27 11.60 -7.45
N LYS A 35 -4.10 10.56 -7.28
CA LYS A 35 -3.62 9.21 -6.89
C LYS A 35 -4.33 8.14 -7.72
N LEU A 36 -3.55 7.14 -8.14
CA LEU A 36 -4.02 5.77 -8.45
C LEU A 36 -3.85 4.92 -7.20
N SER A 37 -4.93 4.39 -6.63
CA SER A 37 -4.82 3.57 -5.41
C SER A 37 -5.62 2.28 -5.57
N TYR A 38 -5.27 1.30 -4.77
CA TYR A 38 -5.90 -0.03 -4.81
C TYR A 38 -6.20 -0.47 -3.39
N TYR A 39 -7.26 -1.24 -3.27
CA TYR A 39 -7.92 -1.63 -1.99
C TYR A 39 -8.34 -3.08 -2.07
N GLU A 40 -8.43 -3.72 -0.92
CA GLU A 40 -9.19 -4.97 -0.79
C GLU A 40 -10.64 -4.64 -1.14
N TYR A 41 -11.35 -5.58 -1.75
CA TYR A 41 -12.79 -5.36 -2.00
C TYR A 41 -13.58 -6.17 -0.98
N ASP A 42 -14.43 -5.51 -0.20
CA ASP A 42 -15.31 -6.20 0.78
C ASP A 42 -16.56 -6.63 0.01
N PHE A 43 -16.53 -7.85 -0.50
CA PHE A 43 -17.59 -8.40 -1.37
C PHE A 43 -18.91 -8.50 -0.60
N GLU A 44 -18.88 -9.03 0.60
CA GLU A 44 -20.07 -9.27 1.47
C GLU A 44 -20.80 -7.94 1.72
N ARG A 45 -20.09 -6.88 2.12
CA ARG A 45 -20.70 -5.55 2.41
C ARG A 45 -20.80 -4.71 1.13
N GLY A 46 -20.17 -5.14 0.05
CA GLY A 46 -20.17 -4.40 -1.23
C GLY A 46 -19.57 -3.02 -1.04
N ARG A 47 -18.34 -2.96 -0.57
CA ARG A 47 -17.65 -1.67 -0.32
C ARG A 47 -16.15 -1.88 -0.48
N ARG A 48 -15.40 -0.81 -0.75
CA ARG A 48 -13.93 -0.94 -0.75
C ARG A 48 -13.50 -1.23 0.69
N GLY A 49 -12.56 -2.15 0.84
CA GLY A 49 -11.91 -2.43 2.12
C GLY A 49 -10.65 -1.61 2.29
N SER A 50 -9.66 -2.19 2.95
CA SER A 50 -8.45 -1.47 3.40
C SER A 50 -7.55 -1.17 2.20
N LYS A 51 -6.99 0.04 2.16
CA LYS A 51 -5.97 0.50 1.16
C LYS A 51 -4.71 -0.39 1.27
N LYS A 52 -4.25 -0.89 0.11
CA LYS A 52 -3.08 -1.78 -0.05
C LYS A 52 -1.90 -1.04 -0.71
N GLY A 53 -2.16 0.05 -1.41
CA GLY A 53 -1.11 0.85 -2.05
C GLY A 53 -1.69 2.02 -2.80
N SER A 54 -0.83 2.93 -3.19
CA SER A 54 -1.14 4.24 -3.80
C SER A 54 0.08 4.60 -4.65
N ILE A 55 -0.15 5.18 -5.82
CA ILE A 55 0.92 5.77 -6.68
C ILE A 55 0.50 7.22 -6.92
N ASP A 56 1.33 8.19 -6.52
CA ASP A 56 1.13 9.61 -6.92
C ASP A 56 1.16 9.68 -8.45
N VAL A 57 0.14 10.26 -9.05
CA VAL A 57 -0.01 10.33 -10.54
C VAL A 57 1.23 11.01 -11.13
N GLU A 58 1.77 11.99 -10.41
CA GLU A 58 2.96 12.77 -10.86
C GLU A 58 4.16 11.83 -11.10
N LYS A 59 4.15 10.65 -10.47
CA LYS A 59 5.28 9.68 -10.61
C LYS A 59 5.08 8.75 -11.81
N ILE A 60 3.90 8.77 -12.44
CA ILE A 60 3.64 7.87 -13.60
C ILE A 60 4.39 8.41 -14.83
N THR A 61 5.11 7.52 -15.53
CA THR A 61 5.94 7.88 -16.69
C THR A 61 5.32 7.32 -17.99
N CYS A 62 4.44 6.33 -17.90
CA CYS A 62 3.96 5.54 -19.05
C CYS A 62 2.71 4.76 -18.64
N VAL A 63 1.68 4.76 -19.50
CA VAL A 63 0.50 3.86 -19.38
C VAL A 63 0.22 3.36 -20.80
N GLU A 64 0.33 2.05 -21.03
CA GLU A 64 0.07 1.46 -22.37
C GLU A 64 -0.51 0.05 -22.18
N THR A 65 -0.89 -0.58 -23.30
CA THR A 65 -1.38 -1.98 -23.26
C THR A 65 -0.18 -2.92 -23.15
N VAL A 66 -0.40 -4.15 -22.67
CA VAL A 66 0.71 -5.13 -22.54
C VAL A 66 0.40 -6.31 -23.45
N VAL A 67 1.39 -6.77 -24.22
CA VAL A 67 1.18 -7.99 -25.05
C VAL A 67 0.72 -9.08 -24.08
N PRO A 68 -0.47 -9.68 -24.26
CA PRO A 68 -0.97 -10.67 -23.31
C PRO A 68 -0.15 -11.97 -23.19
N GLU A 69 -0.40 -12.71 -22.10
CA GLU A 69 0.25 -14.01 -21.82
C GLU A 69 0.00 -14.99 -22.97
N LYS A 70 0.97 -15.84 -23.23
CA LYS A 70 0.87 -16.85 -24.31
C LYS A 70 -0.03 -18.02 -23.88
N ASN A 71 0.05 -18.41 -22.62
CA ASN A 71 -0.66 -19.60 -22.08
C ASN A 71 -1.40 -19.24 -20.80
N PRO A 72 -2.34 -18.27 -20.84
CA PRO A 72 -2.95 -17.78 -19.61
C PRO A 72 -3.86 -18.86 -19.00
N PRO A 73 -4.06 -18.86 -17.66
CA PRO A 73 -5.09 -19.70 -17.07
C PRO A 73 -6.46 -19.22 -17.52
N PRO A 74 -7.51 -20.04 -17.33
CA PRO A 74 -8.88 -19.68 -17.70
C PRO A 74 -9.31 -18.27 -17.24
N GLU A 75 -8.92 -17.90 -16.02
CA GLU A 75 -9.18 -16.58 -15.41
C GLU A 75 -8.72 -15.46 -16.36
N ARG A 76 -7.69 -15.66 -17.19
CA ARG A 76 -7.15 -14.59 -18.07
C ARG A 76 -7.19 -14.95 -19.57
N GLN A 77 -8.06 -15.86 -19.98
CA GLN A 77 -8.18 -16.25 -21.41
C GLN A 77 -9.07 -15.22 -22.12
N ILE A 78 -8.60 -14.70 -23.26
CA ILE A 78 -9.37 -13.77 -24.14
C ILE A 78 -10.46 -14.57 -24.82
N PRO A 79 -11.75 -14.16 -24.69
CA PRO A 79 -12.84 -14.88 -25.34
C PRO A 79 -12.86 -14.65 -26.87
N ARG A 80 -13.50 -15.54 -27.65
CA ARG A 80 -13.72 -15.28 -29.10
C ARG A 80 -14.56 -14.00 -29.22
N ARG A 81 -14.22 -13.15 -30.20
CA ARG A 81 -14.67 -11.73 -30.34
C ARG A 81 -16.22 -11.65 -30.34
N GLY A 82 -16.77 -10.50 -29.97
CA GLY A 82 -18.23 -10.23 -29.89
C GLY A 82 -18.96 -11.31 -29.11
N MET A 88 -23.10 -7.01 -20.81
CA MET A 88 -22.32 -7.18 -19.56
C MET A 88 -22.90 -8.35 -18.76
N GLU A 89 -22.13 -9.42 -18.58
CA GLU A 89 -22.56 -10.60 -17.78
C GLU A 89 -21.92 -10.52 -16.38
N GLN A 90 -22.76 -10.64 -15.36
CA GLN A 90 -22.38 -10.34 -13.96
C GLN A 90 -21.16 -11.18 -13.54
N ILE A 91 -21.14 -12.48 -13.85
CA ILE A 91 -20.13 -13.43 -13.33
C ILE A 91 -18.80 -13.21 -14.08
N SER A 92 -18.84 -13.27 -15.39
CA SER A 92 -17.64 -13.13 -16.24
C SER A 92 -16.92 -11.82 -15.89
N ILE A 93 -17.63 -10.73 -15.61
CA ILE A 93 -16.98 -9.40 -15.47
C ILE A 93 -16.31 -9.30 -14.08
N ILE A 94 -16.53 -10.25 -13.18
CA ILE A 94 -15.73 -10.30 -11.92
C ILE A 94 -14.93 -11.61 -11.84
N GLU A 95 -15.01 -12.50 -12.83
CA GLU A 95 -14.24 -13.77 -12.80
C GLU A 95 -13.14 -13.83 -13.85
N ARG A 96 -13.33 -13.18 -15.01
CA ARG A 96 -12.37 -13.22 -16.14
C ARG A 96 -11.73 -11.84 -16.34
N PHE A 97 -10.39 -11.80 -16.40
CA PHE A 97 -9.60 -10.56 -16.58
C PHE A 97 -8.51 -10.80 -17.63
N PRO A 98 -8.85 -10.90 -18.94
CA PRO A 98 -7.88 -11.19 -19.98
C PRO A 98 -7.23 -10.00 -20.71
N TYR A 99 -7.62 -8.77 -20.38
CA TYR A 99 -7.05 -7.59 -21.08
C TYR A 99 -6.10 -6.82 -20.15
N PRO A 100 -4.77 -7.02 -20.28
CA PRO A 100 -3.80 -6.36 -19.40
C PRO A 100 -3.26 -5.03 -19.92
N PHE A 101 -2.92 -4.14 -18.98
CA PHE A 101 -2.29 -2.82 -19.27
C PHE A 101 -1.20 -2.59 -18.22
N GLN A 102 -0.24 -1.72 -18.54
CA GLN A 102 0.89 -1.51 -17.59
C GLN A 102 0.97 -0.04 -17.17
N VAL A 103 1.16 0.19 -15.86
CA VAL A 103 1.40 1.53 -15.30
C VAL A 103 2.87 1.55 -14.90
N VAL A 104 3.65 2.42 -15.53
CA VAL A 104 5.10 2.53 -15.27
C VAL A 104 5.35 3.74 -14.38
N TYR A 105 6.14 3.54 -13.32
CA TYR A 105 6.48 4.62 -12.35
C TYR A 105 7.89 4.37 -11.83
N ASP A 106 8.30 5.12 -10.81
CA ASP A 106 9.69 5.00 -10.28
C ASP A 106 9.93 3.55 -9.82
N GLU A 107 8.98 2.93 -9.12
CA GLU A 107 9.18 1.54 -8.65
C GLU A 107 8.73 0.52 -9.69
N GLY A 108 9.31 0.55 -10.89
CA GLY A 108 9.03 -0.41 -11.99
C GLY A 108 7.63 -0.34 -12.57
N PRO A 109 7.22 -1.34 -13.38
CA PRO A 109 5.88 -1.38 -13.97
C PRO A 109 4.89 -2.21 -13.14
N LEU A 110 3.64 -1.74 -13.05
CA LEU A 110 2.56 -2.45 -12.34
C LEU A 110 1.67 -3.05 -13.42
N TYR A 111 1.36 -4.35 -13.33
CA TYR A 111 0.51 -5.00 -14.37
C TYR A 111 -0.93 -5.16 -13.84
N VAL A 112 -1.88 -4.58 -14.57
CA VAL A 112 -3.33 -4.61 -14.20
C VAL A 112 -4.10 -5.33 -15.31
N PHE A 113 -4.98 -6.27 -14.93
CA PHE A 113 -5.77 -7.02 -15.94
C PHE A 113 -7.24 -6.59 -15.86
N SER A 114 -7.79 -6.13 -16.99
CA SER A 114 -9.20 -5.66 -17.06
C SER A 114 -10.10 -6.79 -17.57
N PRO A 115 -11.39 -6.84 -17.19
CA PRO A 115 -12.29 -7.88 -17.67
C PRO A 115 -12.75 -7.66 -19.12
N THR A 116 -12.75 -6.39 -19.58
CA THR A 116 -13.20 -6.07 -20.95
C THR A 116 -12.23 -5.11 -21.64
N GLU A 117 -12.20 -5.12 -22.97
CA GLU A 117 -11.33 -4.22 -23.78
C GLU A 117 -11.76 -2.77 -23.52
N GLU A 118 -13.08 -2.55 -23.46
CA GLU A 118 -13.65 -1.19 -23.25
C GLU A 118 -13.20 -0.63 -21.89
N LEU A 119 -13.24 -1.45 -20.84
CA LEU A 119 -12.81 -0.97 -19.49
C LEU A 119 -11.32 -0.63 -19.52
N ARG A 120 -10.51 -1.45 -20.17
CA ARG A 120 -9.04 -1.18 -20.25
C ARG A 120 -8.81 0.13 -21.00
N LYS A 121 -9.57 0.34 -22.08
CA LYS A 121 -9.48 1.56 -22.91
C LYS A 121 -9.81 2.79 -22.05
N ARG A 122 -10.91 2.72 -21.31
CA ARG A 122 -11.39 3.82 -20.44
C ARG A 122 -10.26 4.20 -19.48
N TRP A 123 -9.65 3.19 -18.86
CA TRP A 123 -8.57 3.38 -17.86
C TRP A 123 -7.34 3.97 -18.55
N ILE A 124 -6.91 3.42 -19.68
CA ILE A 124 -5.67 3.93 -20.35
C ILE A 124 -5.91 5.39 -20.80
N HIS A 125 -7.08 5.70 -21.35
CA HIS A 125 -7.47 7.07 -21.79
C HIS A 125 -7.46 8.02 -20.59
N GLN A 126 -8.11 7.68 -19.48
CA GLN A 126 -8.18 8.58 -18.30
C GLN A 126 -6.80 8.70 -17.62
N LEU A 127 -6.00 7.63 -17.54
CA LEU A 127 -4.64 7.72 -16.97
C LEU A 127 -3.75 8.62 -17.86
N LYS A 128 -3.81 8.48 -19.21
CA LYS A 128 -3.02 9.32 -20.13
C LYS A 128 -3.41 10.80 -19.92
N ASN A 129 -4.70 11.07 -19.75
CA ASN A 129 -5.22 12.42 -19.40
C ASN A 129 -4.54 12.91 -18.11
N VAL A 130 -4.66 12.19 -16.99
CA VAL A 130 -4.20 12.70 -15.66
C VAL A 130 -2.67 12.82 -15.63
N ILE A 131 -1.93 12.10 -16.47
CA ILE A 131 -0.44 12.18 -16.46
C ILE A 131 0.10 13.14 -17.52
N ARG A 132 -0.77 13.76 -18.32
CA ARG A 132 -0.41 14.48 -19.58
C ARG A 132 0.68 15.54 -19.33
N TYR A 133 0.67 16.21 -18.17
CA TYR A 133 1.60 17.32 -17.80
C TYR A 133 2.71 16.84 -16.86
N ASN A 134 2.99 15.53 -16.77
CA ASN A 134 4.07 14.97 -15.91
C ASN A 134 5.42 15.31 -16.55
N SER A 135 6.49 15.48 -15.76
CA SER A 135 7.82 15.91 -16.26
C SER A 135 8.59 14.74 -16.88
N ASP A 136 8.31 13.50 -16.50
CA ASP A 136 9.20 12.35 -16.79
C ASP A 136 8.52 11.37 -17.76
N LEU A 137 7.53 11.81 -18.56
CA LEU A 137 6.83 10.94 -19.54
C LEU A 137 7.85 10.43 -20.56
N VAL A 138 7.86 9.12 -20.82
CA VAL A 138 8.90 8.41 -21.64
C VAL A 138 8.47 8.30 -23.09
N GLN A 139 9.43 8.14 -24.00
CA GLN A 139 9.20 7.97 -25.46
C GLN A 139 9.24 6.48 -25.81
N LYS A 140 9.70 5.64 -24.88
CA LYS A 140 9.83 4.19 -25.15
C LYS A 140 9.18 3.38 -24.03
N TYR A 141 8.50 2.29 -24.39
CA TYR A 141 7.82 1.42 -23.40
C TYR A 141 8.10 -0.05 -23.71
N HIS A 142 7.81 -0.91 -22.74
CA HIS A 142 7.99 -2.38 -22.89
C HIS A 142 6.69 -3.02 -23.33
N PRO A 143 6.56 -3.45 -24.61
CA PRO A 143 5.32 -4.08 -25.10
C PRO A 143 5.02 -5.41 -24.39
N CYS A 144 6.06 -6.13 -23.97
CA CYS A 144 5.89 -7.43 -23.29
C CYS A 144 6.14 -7.33 -21.78
N PHE A 145 5.58 -8.27 -21.01
CA PHE A 145 5.72 -8.27 -19.53
C PHE A 145 7.14 -8.61 -19.09
N TRP A 146 7.48 -8.16 -17.88
CA TRP A 146 8.72 -8.54 -17.18
C TRP A 146 8.38 -9.87 -16.50
N ILE A 147 9.10 -10.93 -16.79
CA ILE A 147 8.75 -12.26 -16.21
C ILE A 147 10.04 -13.02 -15.93
N ASP A 148 10.18 -13.59 -14.73
CA ASP A 148 11.36 -14.41 -14.38
C ASP A 148 12.65 -13.59 -14.57
N GLY A 149 12.68 -12.37 -14.04
CA GLY A 149 13.89 -11.52 -14.06
C GLY A 149 14.30 -10.95 -15.41
N GLN A 150 13.41 -10.88 -16.39
CA GLN A 150 13.77 -10.28 -17.70
C GLN A 150 12.53 -9.86 -18.47
N TYR A 151 12.64 -8.82 -19.29
CA TYR A 151 11.51 -8.41 -20.16
C TYR A 151 11.44 -9.43 -21.28
N LEU A 152 10.24 -9.90 -21.63
CA LEU A 152 10.15 -10.90 -22.72
C LEU A 152 10.46 -10.23 -24.07
N CYS A 153 10.14 -8.93 -24.17
CA CYS A 153 10.35 -8.15 -25.42
C CYS A 153 11.83 -7.94 -25.78
N CYS A 154 12.70 -7.63 -24.81
CA CYS A 154 14.10 -7.28 -25.16
C CYS A 154 15.15 -8.01 -24.30
N SER A 155 14.72 -8.99 -23.50
CA SER A 155 15.60 -9.84 -22.65
C SER A 155 16.36 -9.03 -21.60
N GLN A 156 16.13 -7.72 -21.49
CA GLN A 156 16.89 -6.91 -20.50
C GLN A 156 16.50 -7.39 -19.12
N THR A 157 17.48 -7.51 -18.21
CA THR A 157 17.31 -8.07 -16.85
C THR A 157 17.44 -6.96 -15.81
N ALA A 158 16.92 -5.77 -16.10
CA ALA A 158 16.65 -4.72 -15.08
C ALA A 158 15.25 -4.14 -15.33
N LYS A 159 14.40 -4.09 -14.29
CA LYS A 159 13.01 -3.59 -14.37
C LYS A 159 12.97 -2.14 -14.87
N ASN A 160 13.91 -1.29 -14.46
CA ASN A 160 13.98 0.14 -14.84
C ASN A 160 14.71 0.31 -16.18
N ALA A 161 15.07 -0.78 -16.87
CA ALA A 161 15.64 -0.73 -18.22
C ALA A 161 14.71 0.11 -19.11
N MET A 162 15.30 1.09 -19.81
CA MET A 162 14.64 1.95 -20.83
C MET A 162 13.83 1.03 -21.77
N GLY A 163 12.64 1.52 -22.17
CA GLY A 163 11.76 0.79 -23.10
C GLY A 163 12.48 0.41 -24.38
N CYS A 164 12.28 -0.82 -24.86
CA CYS A 164 12.93 -1.32 -26.10
C CYS A 164 12.11 -0.93 -27.34
N GLN A 165 10.88 -0.46 -27.15
CA GLN A 165 10.01 -0.11 -28.31
C GLN A 165 9.60 1.37 -28.24
N ILE A 166 9.73 2.08 -29.37
CA ILE A 166 9.36 3.53 -29.45
C ILE A 166 7.84 3.65 -29.55
N LEU A 167 7.24 4.50 -28.71
CA LEU A 167 5.77 4.75 -28.71
C LEU A 167 5.41 5.56 -29.96
N GLU A 168 4.42 5.08 -30.72
CA GLU A 168 3.91 5.73 -31.97
C GLU A 168 3.17 7.03 -31.61
N ALA B 1 9.81 -14.44 6.72
CA ALA B 1 10.60 -14.47 5.44
C ALA B 1 11.48 -13.22 5.31
N ALA B 2 11.52 -12.59 4.13
CA ALA B 2 12.35 -11.41 3.83
C ALA B 2 11.82 -10.22 4.64
N VAL B 3 12.67 -9.19 4.83
CA VAL B 3 12.27 -7.91 5.49
C VAL B 3 11.48 -7.08 4.47
N ILE B 4 10.22 -6.82 4.80
CA ILE B 4 9.31 -5.99 3.97
C ILE B 4 9.70 -4.54 4.18
N LEU B 5 9.80 -4.10 5.44
CA LEU B 5 10.15 -2.70 5.79
C LEU B 5 11.09 -2.67 6.99
N GLU B 6 11.97 -1.69 6.99
CA GLU B 6 12.93 -1.39 8.07
C GLU B 6 12.95 0.11 8.23
N SER B 7 12.61 0.62 9.42
CA SER B 7 12.58 2.07 9.70
C SER B 7 12.94 2.32 11.16
N ILE B 8 13.44 3.50 11.43
CA ILE B 8 13.60 4.06 12.79
C ILE B 8 12.35 4.88 13.11
N PHE B 9 11.66 4.48 14.17
CA PHE B 9 10.47 5.19 14.68
C PHE B 9 10.69 5.51 16.16
N LEU B 10 9.96 6.50 16.63
CA LEU B 10 9.70 6.74 18.06
C LEU B 10 8.46 5.94 18.41
N LYS B 11 8.47 5.19 19.49
CA LYS B 11 7.27 4.44 19.94
C LYS B 11 6.97 4.78 21.41
N ARG B 12 5.69 4.77 21.80
CA ARG B 12 5.29 4.97 23.21
C ARG B 12 5.37 3.62 23.91
N SER B 13 6.11 3.52 25.01
CA SER B 13 6.36 2.25 25.73
C SER B 13 5.06 1.81 26.41
N GLN B 14 4.90 0.51 26.70
CA GLN B 14 3.74 -0.09 27.42
C GLN B 14 4.12 -0.36 28.88
N ASN B 23 6.45 8.03 28.30
CA ASN B 23 7.82 7.57 27.98
C ASN B 23 7.87 7.02 26.53
N PHE B 24 8.84 7.50 25.75
CA PHE B 24 9.00 7.28 24.29
C PHE B 24 10.41 6.73 24.05
N LYS B 25 10.56 5.70 23.21
CA LYS B 25 11.86 5.10 22.86
C LYS B 25 12.04 5.20 21.35
N LYS B 26 13.28 5.44 20.92
CA LYS B 26 13.66 5.50 19.50
C LYS B 26 14.20 4.14 19.12
N CYS B 27 13.54 3.44 18.19
CA CYS B 27 13.77 2.00 17.91
C CYS B 27 13.79 1.76 16.40
N LEU B 28 14.53 0.72 16.01
CA LEU B 28 14.52 0.13 14.65
C LEU B 28 13.35 -0.86 14.62
N PHE B 29 12.43 -0.69 13.67
CA PHE B 29 11.28 -1.60 13.43
C PHE B 29 11.55 -2.39 12.15
N LEU B 30 11.33 -3.71 12.21
CA LEU B 30 11.32 -4.66 11.06
C LEU B 30 9.91 -5.24 10.91
N LEU B 31 9.36 -5.19 9.69
CA LEU B 31 8.14 -5.93 9.26
C LEU B 31 8.56 -7.11 8.38
N THR B 32 8.08 -8.31 8.71
CA THR B 32 8.08 -9.51 7.84
C THR B 32 6.63 -9.99 7.72
N VAL B 33 6.34 -11.01 6.92
CA VAL B 33 4.96 -11.55 6.79
C VAL B 33 4.55 -12.18 8.12
N HIS B 34 5.50 -12.59 8.97
CA HIS B 34 5.22 -13.29 10.25
C HIS B 34 5.13 -12.31 11.43
N LYS B 35 6.01 -11.30 11.52
CA LYS B 35 6.18 -10.50 12.76
C LYS B 35 6.44 -9.02 12.44
N LEU B 36 5.92 -8.17 13.31
CA LEU B 36 6.40 -6.79 13.51
C LEU B 36 7.31 -6.81 14.73
N SER B 37 8.61 -6.57 14.55
N SER B 37 8.60 -6.52 14.53
CA SER B 37 9.62 -6.61 15.64
CA SER B 37 9.64 -6.58 15.58
C SER B 37 10.31 -5.25 15.77
C SER B 37 10.25 -5.20 15.79
N TYR B 38 10.85 -4.97 16.95
CA TYR B 38 11.52 -3.69 17.26
C TYR B 38 12.77 -4.04 18.07
N TYR B 39 13.80 -3.21 17.87
CA TYR B 39 15.19 -3.44 18.32
C TYR B 39 15.76 -2.13 18.80
N GLU B 40 16.68 -2.19 19.76
CA GLU B 40 17.64 -1.09 20.00
C GLU B 40 18.36 -0.87 18.67
N TYR B 41 18.62 0.37 18.29
CA TYR B 41 19.43 0.66 17.08
C TYR B 41 20.88 0.85 17.50
N ASP B 42 21.82 0.15 16.87
CA ASP B 42 23.25 0.41 17.12
C ASP B 42 23.72 1.50 16.15
N PHE B 43 23.60 2.75 16.59
CA PHE B 43 23.84 3.97 15.77
C PHE B 43 25.30 3.98 15.28
N GLU B 44 26.25 3.75 16.17
CA GLU B 44 27.72 3.75 15.89
C GLU B 44 28.08 2.76 14.78
N ARG B 45 27.59 1.52 14.86
CA ARG B 45 27.87 0.45 13.86
C ARG B 45 26.87 0.50 12.71
N GLY B 46 25.76 1.23 12.86
CA GLY B 46 24.79 1.45 11.76
C GLY B 46 24.08 0.16 11.46
N ARG B 47 23.47 -0.46 12.47
CA ARG B 47 22.86 -1.79 12.36
C ARG B 47 21.88 -1.98 13.52
N ARG B 48 21.00 -2.95 13.42
CA ARG B 48 20.07 -3.27 14.52
C ARG B 48 20.92 -3.86 15.66
N GLY B 49 20.59 -3.48 16.90
CA GLY B 49 21.10 -4.12 18.12
C GLY B 49 20.15 -5.21 18.57
N SER B 50 19.89 -5.32 19.87
CA SER B 50 19.14 -6.45 20.47
C SER B 50 17.64 -6.24 20.25
N LYS B 51 16.95 -7.32 19.86
CA LYS B 51 15.46 -7.39 19.78
C LYS B 51 14.92 -7.03 21.15
N LYS B 52 13.97 -6.08 21.23
CA LYS B 52 13.28 -5.67 22.48
C LYS B 52 11.88 -6.26 22.52
N GLY B 53 11.31 -6.61 21.36
CA GLY B 53 9.97 -7.25 21.34
C GLY B 53 9.49 -7.47 19.92
N SER B 54 8.30 -8.05 19.81
CA SER B 54 7.64 -8.38 18.53
C SER B 54 6.15 -8.57 18.76
N ILE B 55 5.34 -8.35 17.73
CA ILE B 55 3.90 -8.71 17.70
C ILE B 55 3.77 -9.75 16.60
N ASP B 56 3.11 -10.88 16.84
CA ASP B 56 2.77 -11.81 15.74
C ASP B 56 1.78 -11.08 14.81
N VAL B 57 2.06 -11.08 13.52
CA VAL B 57 1.20 -10.38 12.53
C VAL B 57 -0.25 -10.89 12.64
N GLU B 58 -0.47 -12.17 12.97
CA GLU B 58 -1.85 -12.75 12.95
C GLU B 58 -2.67 -12.22 14.14
N LYS B 59 -2.06 -11.54 15.12
CA LYS B 59 -2.75 -10.97 16.30
C LYS B 59 -3.15 -9.52 16.07
N ILE B 60 -2.71 -8.91 14.96
CA ILE B 60 -3.04 -7.51 14.62
C ILE B 60 -4.47 -7.46 14.08
N THR B 61 -5.29 -6.59 14.66
CA THR B 61 -6.73 -6.45 14.34
C THR B 61 -6.99 -5.18 13.54
N CYS B 62 -6.09 -4.19 13.61
CA CYS B 62 -6.32 -2.86 13.00
C CYS B 62 -5.00 -2.07 12.93
N VAL B 63 -4.77 -1.35 11.83
CA VAL B 63 -3.66 -0.38 11.70
C VAL B 63 -4.20 0.87 11.04
N GLU B 64 -4.03 2.03 11.68
CA GLU B 64 -4.57 3.32 11.17
C GLU B 64 -3.68 4.45 11.65
N THR B 65 -3.92 5.65 11.15
CA THR B 65 -3.33 6.89 11.70
C THR B 65 -4.00 7.17 13.05
N VAL B 66 -3.39 8.06 13.83
CA VAL B 66 -3.96 8.63 15.08
C VAL B 66 -4.00 10.15 14.90
N VAL B 67 -5.03 10.80 15.41
CA VAL B 67 -5.02 12.29 15.52
C VAL B 67 -3.81 12.69 16.36
N PRO B 68 -2.96 13.60 15.85
CA PRO B 68 -1.78 14.03 16.59
C PRO B 68 -2.08 14.68 17.96
N GLU B 69 -1.11 14.63 18.87
CA GLU B 69 -1.11 15.39 20.14
C GLU B 69 -1.29 16.89 19.87
N LYS B 70 -2.00 17.58 20.76
CA LYS B 70 -2.24 19.05 20.68
C LYS B 70 -0.95 19.81 20.97
N ASN B 71 -0.16 19.38 21.95
CA ASN B 71 1.04 20.11 22.43
C ASN B 71 2.26 19.17 22.48
N PRO B 72 2.72 18.64 21.32
CA PRO B 72 3.85 17.72 21.32
C PRO B 72 5.16 18.41 21.62
N PRO B 73 6.13 17.72 22.26
CA PRO B 73 7.49 18.23 22.42
C PRO B 73 8.14 18.33 21.04
N PRO B 74 9.31 19.00 20.91
CA PRO B 74 9.91 19.24 19.59
C PRO B 74 10.13 17.97 18.74
N GLU B 75 10.52 16.86 19.38
CA GLU B 75 10.79 15.56 18.71
C GLU B 75 9.52 14.96 18.06
N ARG B 76 8.31 15.47 18.36
CA ARG B 76 7.06 15.04 17.66
C ARG B 76 6.28 16.22 17.08
N GLN B 77 6.93 17.35 16.81
CA GLN B 77 6.26 18.58 16.33
C GLN B 77 6.16 18.54 14.81
N ILE B 78 4.94 18.66 14.26
CA ILE B 78 4.72 18.79 12.79
C ILE B 78 5.30 20.16 12.41
N PRO B 79 6.30 20.22 11.51
CA PRO B 79 7.19 21.38 11.44
C PRO B 79 6.58 22.66 10.82
N GLU B 89 15.99 15.99 4.83
CA GLU B 89 17.23 16.28 5.60
C GLU B 89 17.57 15.10 6.54
N GLN B 90 18.86 14.81 6.60
CA GLN B 90 19.44 13.61 7.25
C GLN B 90 19.12 13.61 8.73
N ILE B 91 19.21 14.78 9.34
CA ILE B 91 19.04 14.95 10.81
C ILE B 91 17.54 14.83 11.15
N SER B 92 16.68 15.55 10.41
CA SER B 92 15.25 15.66 10.77
C SER B 92 14.58 14.29 10.66
N ILE B 93 15.06 13.43 9.75
CA ILE B 93 14.43 12.11 9.44
C ILE B 93 14.79 11.11 10.55
N ILE B 94 15.76 11.43 11.43
CA ILE B 94 16.02 10.60 12.64
C ILE B 94 15.82 11.40 13.95
N GLU B 95 15.40 12.66 13.91
CA GLU B 95 15.21 13.45 15.16
C GLU B 95 13.76 13.85 15.43
N ARG B 96 12.98 14.08 14.37
CA ARG B 96 11.57 14.56 14.40
C ARG B 96 10.62 13.45 13.95
N PHE B 97 9.63 13.12 14.76
CA PHE B 97 8.68 11.99 14.53
C PHE B 97 7.25 12.48 14.74
N PRO B 98 6.69 13.30 13.81
CA PRO B 98 5.38 13.94 13.99
C PRO B 98 4.11 13.20 13.52
N TYR B 99 4.25 12.07 12.83
CA TYR B 99 3.12 11.38 12.15
C TYR B 99 2.84 10.05 12.84
N PRO B 100 1.88 10.05 13.80
CA PRO B 100 1.54 8.85 14.55
C PRO B 100 0.65 7.88 13.78
N PHE B 101 0.88 6.59 14.03
CA PHE B 101 -0.05 5.51 13.65
C PHE B 101 -0.13 4.50 14.80
N GLN B 102 -1.19 3.70 14.75
CA GLN B 102 -1.53 2.73 15.81
C GLN B 102 -1.57 1.34 15.19
N VAL B 103 -0.92 0.39 15.85
CA VAL B 103 -1.01 -1.06 15.56
C VAL B 103 -1.81 -1.67 16.71
N VAL B 104 -3.06 -1.99 16.45
CA VAL B 104 -3.99 -2.54 17.47
C VAL B 104 -3.94 -4.07 17.42
N TYR B 105 -3.84 -4.67 18.60
CA TYR B 105 -3.94 -6.14 18.76
C TYR B 105 -4.72 -6.38 20.07
N ASP B 106 -4.83 -7.64 20.49
CA ASP B 106 -5.53 -8.08 21.73
C ASP B 106 -5.15 -7.16 22.91
N GLU B 107 -3.85 -6.92 23.12
CA GLU B 107 -3.29 -6.23 24.32
C GLU B 107 -3.65 -4.72 24.34
N GLY B 108 -4.19 -4.19 23.24
CA GLY B 108 -4.47 -2.75 23.06
C GLY B 108 -3.68 -2.15 21.90
N PRO B 109 -3.62 -0.80 21.77
CA PRO B 109 -2.85 -0.16 20.70
C PRO B 109 -1.37 0.05 21.02
N LEU B 110 -0.50 -0.14 20.03
CA LEU B 110 0.91 0.29 20.06
C LEU B 110 0.98 1.57 19.22
N TYR B 111 1.51 2.63 19.80
CA TYR B 111 1.60 3.95 19.13
C TYR B 111 3.03 4.15 18.63
N VAL B 112 3.12 4.37 17.32
CA VAL B 112 4.39 4.50 16.57
C VAL B 112 4.36 5.85 15.85
N PHE B 113 5.47 6.60 15.88
CA PHE B 113 5.60 7.94 15.27
C PHE B 113 6.61 7.91 14.13
N SER B 114 6.16 8.29 12.95
CA SER B 114 6.95 8.31 11.71
C SER B 114 7.50 9.72 11.51
N PRO B 115 8.76 9.86 11.02
CA PRO B 115 9.30 11.16 10.65
C PRO B 115 8.64 11.80 9.43
N THR B 116 8.03 11.01 8.53
CA THR B 116 7.37 11.54 7.29
C THR B 116 5.97 10.94 7.10
N GLU B 117 5.08 11.69 6.45
CA GLU B 117 3.72 11.19 6.10
C GLU B 117 3.83 10.05 5.11
N GLU B 118 4.76 10.17 4.16
CA GLU B 118 5.01 9.16 3.09
C GLU B 118 5.36 7.81 3.75
N LEU B 119 6.32 7.82 4.68
CA LEU B 119 6.80 6.59 5.33
C LEU B 119 5.67 6.02 6.19
N ARG B 120 4.88 6.86 6.87
CA ARG B 120 3.71 6.36 7.65
C ARG B 120 2.74 5.63 6.69
N LYS B 121 2.46 6.19 5.53
CA LYS B 121 1.52 5.61 4.55
C LYS B 121 2.08 4.28 4.04
N ARG B 122 3.39 4.21 3.75
CA ARG B 122 4.06 2.98 3.30
C ARG B 122 3.85 1.87 4.32
N TRP B 123 4.07 2.16 5.61
CA TRP B 123 3.97 1.18 6.72
C TRP B 123 2.52 0.77 6.91
N ILE B 124 1.58 1.72 6.88
CA ILE B 124 0.14 1.38 7.07
C ILE B 124 -0.29 0.45 5.92
N HIS B 125 0.07 0.75 4.67
CA HIS B 125 -0.29 -0.10 3.50
C HIS B 125 0.34 -1.49 3.64
N GLN B 126 1.63 -1.57 3.99
CA GLN B 126 2.32 -2.89 4.03
C GLN B 126 1.74 -3.70 5.17
N LEU B 127 1.44 -3.05 6.30
CA LEU B 127 0.82 -3.75 7.45
C LEU B 127 -0.58 -4.24 7.02
N LYS B 128 -1.38 -3.38 6.40
CA LYS B 128 -2.74 -3.78 5.95
C LYS B 128 -2.63 -4.98 4.99
N ASN B 129 -1.55 -5.07 4.20
CA ASN B 129 -1.32 -6.21 3.27
C ASN B 129 -1.07 -7.50 4.06
N VAL B 130 -0.27 -7.44 5.12
CA VAL B 130 0.21 -8.67 5.83
C VAL B 130 -0.86 -9.19 6.79
N ILE B 131 -1.83 -8.36 7.19
CA ILE B 131 -2.89 -8.74 8.16
C ILE B 131 -4.18 -9.17 7.43
N ARG B 132 -4.20 -9.12 6.09
CA ARG B 132 -5.46 -9.27 5.29
C ARG B 132 -6.14 -10.62 5.56
N TYR B 133 -5.41 -11.67 5.98
CA TYR B 133 -5.95 -13.02 6.23
C TYR B 133 -6.36 -13.20 7.69
N ASN B 134 -6.05 -12.24 8.58
CA ASN B 134 -6.39 -12.34 10.02
C ASN B 134 -7.90 -12.50 10.17
N SER B 135 -8.32 -13.14 11.25
CA SER B 135 -9.72 -13.58 11.53
C SER B 135 -10.43 -12.53 12.36
N ASP B 136 -9.67 -11.79 13.17
CA ASP B 136 -10.19 -10.87 14.22
C ASP B 136 -10.16 -9.43 13.70
N LEU B 137 -9.91 -9.20 12.40
CA LEU B 137 -9.87 -7.81 11.87
C LEU B 137 -11.17 -7.13 12.30
N VAL B 138 -11.10 -5.88 12.71
CA VAL B 138 -12.25 -5.12 13.24
C VAL B 138 -12.69 -4.10 12.18
N GLN B 139 -13.87 -3.51 12.36
CA GLN B 139 -14.44 -2.53 11.42
C GLN B 139 -14.50 -1.15 12.10
N LYS B 140 -14.05 -1.07 13.35
CA LYS B 140 -14.04 0.21 14.11
C LYS B 140 -12.69 0.40 14.80
N TYR B 141 -12.35 1.64 15.13
CA TYR B 141 -11.06 1.95 15.80
C TYR B 141 -11.18 3.27 16.55
N HIS B 142 -10.21 3.56 17.42
CA HIS B 142 -10.16 4.84 18.17
C HIS B 142 -9.26 5.82 17.42
N PRO B 143 -9.80 6.94 16.88
CA PRO B 143 -8.99 7.91 16.13
C PRO B 143 -8.01 8.68 17.01
N CYS B 144 -8.27 8.77 18.32
CA CYS B 144 -7.39 9.51 19.25
C CYS B 144 -6.64 8.56 20.19
N PHE B 145 -5.62 9.10 20.85
CA PHE B 145 -4.73 8.36 21.77
C PHE B 145 -5.55 7.94 22.98
N TRP B 146 -5.29 6.72 23.47
CA TRP B 146 -5.51 6.35 24.89
C TRP B 146 -4.47 7.13 25.71
N ILE B 147 -4.93 7.99 26.61
CA ILE B 147 -4.10 8.88 27.47
C ILE B 147 -4.79 9.00 28.84
N ASP B 148 -4.08 8.74 29.94
CA ASP B 148 -4.51 9.09 31.31
C ASP B 148 -5.79 8.31 31.66
N GLY B 149 -5.77 6.99 31.50
CA GLY B 149 -6.86 6.10 31.90
C GLY B 149 -8.02 6.03 30.91
N GLN B 150 -7.98 6.76 29.78
CA GLN B 150 -9.11 6.76 28.81
C GLN B 150 -8.67 7.11 27.38
N TYR B 151 -9.56 6.83 26.42
CA TYR B 151 -9.46 7.30 25.02
C TYR B 151 -9.96 8.74 24.92
N LEU B 152 -9.18 9.65 24.32
CA LEU B 152 -9.60 11.06 24.20
C LEU B 152 -10.87 11.16 23.34
N CYS B 153 -10.96 10.34 22.30
CA CYS B 153 -12.10 10.37 21.34
C CYS B 153 -13.45 10.00 21.97
N CYS B 154 -13.53 8.94 22.79
CA CYS B 154 -14.86 8.50 23.29
C CYS B 154 -14.95 8.37 24.82
N SER B 155 -13.87 8.64 25.56
CA SER B 155 -13.81 8.56 27.05
C SER B 155 -13.93 7.14 27.62
N GLN B 156 -13.84 6.09 26.78
CA GLN B 156 -13.84 4.69 27.29
C GLN B 156 -12.50 4.44 27.96
N THR B 157 -12.49 3.61 29.01
CA THR B 157 -11.36 3.44 29.95
C THR B 157 -10.59 2.17 29.58
N ALA B 158 -11.31 1.14 29.12
CA ALA B 158 -10.74 -0.13 28.62
C ALA B 158 -9.93 0.15 27.35
N LYS B 159 -8.65 -0.26 27.32
CA LYS B 159 -7.78 -0.19 26.11
C LYS B 159 -8.41 -1.05 25.01
N ASN B 160 -9.00 -2.19 25.38
CA ASN B 160 -9.59 -3.12 24.39
C ASN B 160 -11.07 -2.82 24.18
N ALA B 161 -11.49 -1.58 24.36
CA ALA B 161 -12.91 -1.22 24.11
C ALA B 161 -13.17 -1.18 22.59
N MET B 162 -14.42 -1.37 22.17
CA MET B 162 -14.74 -1.32 20.72
C MET B 162 -14.46 0.09 20.22
N GLY B 163 -13.89 0.22 19.02
CA GLY B 163 -13.59 1.55 18.45
C GLY B 163 -14.86 2.37 18.28
N CYS B 164 -14.79 3.65 18.65
CA CYS B 164 -15.93 4.61 18.53
C CYS B 164 -16.23 4.93 17.05
N GLN B 165 -15.21 5.01 16.21
CA GLN B 165 -15.39 5.39 14.78
C GLN B 165 -15.27 4.20 13.83
N ILE B 166 -16.24 4.07 12.93
CA ILE B 166 -16.28 3.01 11.88
C ILE B 166 -15.18 3.31 10.86
N LEU B 167 -14.50 2.28 10.35
CA LEU B 167 -13.39 2.45 9.38
C LEU B 167 -13.90 2.72 7.96
N GLU B 168 -13.64 3.94 7.46
CA GLU B 168 -13.95 4.35 6.07
C GLU B 168 -12.63 4.40 5.29
N ASN B 169 -12.45 3.49 4.32
CA ASN B 169 -11.16 3.27 3.60
C ASN B 169 -11.20 3.99 2.26
O 3IS C . 2.49 -5.12 -6.09
C4 3IS C . 1.90 -4.03 -6.12
N 3IS C . 2.43 -2.85 -5.71
C5 3IS C . 0.52 -3.77 -6.66
C6 3IS C . 0.39 -2.27 -6.53
C7 3IS C . -0.62 -1.40 -6.90
C 3IS C . -0.44 -0.05 -6.68
CL 3IS C . -1.69 1.05 -7.19
C3 3IS C . 1.55 -1.79 -5.95
C2 3IS C . 1.73 -0.42 -5.71
C1 3IS C . 0.71 0.45 -6.08
ZN ZN D . 11.63 -4.46 -23.79
MG MG E . -19.23 1.12 -3.31
O 3IS F . 6.38 -1.05 24.98
C4 3IS F . 6.32 -1.68 23.93
N 3IS F . 5.89 -2.97 23.82
C5 3IS F . 6.71 -1.21 22.55
C6 3IS F . 6.51 -2.42 21.70
C7 3IS F . 6.74 -2.68 20.35
C 3IS F . 6.42 -3.92 19.83
CL 3IS F . 6.72 -4.25 18.15
C3 3IS F . 5.97 -3.43 22.49
C2 3IS F . 5.63 -4.68 21.97
C1 3IS F . 5.86 -4.91 20.62
ZN ZN G . -12.63 6.05 20.75
MG MG H . 21.36 -1.85 7.58
#